data_1YCS
#
_entry.id   1YCS
#
_cell.length_a   68.800
_cell.length_b   72.800
_cell.length_c   119.000
_cell.angle_alpha   90.00
_cell.angle_beta   90.00
_cell.angle_gamma   90.00
#
_symmetry.space_group_name_H-M   'P 21 21 21'
#
loop_
_entity.id
_entity.type
_entity.pdbx_description
1 polymer P53
2 polymer 53BP2
3 non-polymer 'ZINC ION'
4 water water
#
loop_
_entity_poly.entity_id
_entity_poly.type
_entity_poly.pdbx_seq_one_letter_code
_entity_poly.pdbx_strand_id
1 'polypeptide(L)'
;SSSVPSQKTYQGSYGFRLGFLHSGTAKSVTCTYSPALNKMFCQLAKTCPVQLWVDSTPPPGTRVRAMAIYKQSQHMTEVV
RRCPHHERCSDSDGLAPPQHLIRVEGNLRVEYLDDRNTFRHSVVVPYEPPEVGSDCTTIHYNYMCNSSCMGGMNRRPILT
IITLEDSSGNLLGRNSFEVRVCACPGRDRRTEEENLRKK
;
A
2 'polypeptide(L)'
;PEITGQVSLPPGKRTNLRKTGSERIAHGMRVKFNPLPLALLLDSSLEGEFDLVQRIIYEVDDPSLPNDEGITALHNAVCA
GHTEIVKFLVQFGVNVNAADSDGWTPLHCAASCNNVQVCKFLVESGAAVFAMTYSDMQTAADKCEEMEEGYTQCSQFLYG
VQEKMGIMNKGVIYALWDYEPQNDDELPMKEGDCMTIIHREDEDEIEWWWARLNDKEGYVPRNLLGLYPRIKPRQRSLA
;
B
#
# COMPACT_ATOMS: atom_id res chain seq x y z
N VAL A 4 -12.85 -21.91 0.88
CA VAL A 4 -13.20 -20.46 0.96
C VAL A 4 -14.27 -20.27 2.02
N PRO A 5 -14.14 -19.20 2.85
CA PRO A 5 -15.14 -18.97 3.88
C PRO A 5 -16.50 -18.59 3.29
N SER A 6 -17.55 -19.15 3.88
CA SER A 6 -18.91 -18.91 3.43
C SER A 6 -19.39 -17.48 3.62
N GLN A 7 -20.05 -16.95 2.60
CA GLN A 7 -20.61 -15.60 2.66
C GLN A 7 -22.15 -15.67 2.65
N LYS A 8 -22.71 -16.82 3.05
CA LYS A 8 -24.15 -17.02 3.08
C LYS A 8 -24.81 -16.48 4.33
N THR A 9 -25.78 -15.58 4.14
CA THR A 9 -26.50 -14.95 5.24
C THR A 9 -27.16 -15.99 6.11
N TYR A 10 -27.16 -15.73 7.42
CA TYR A 10 -27.77 -16.61 8.41
C TYR A 10 -28.25 -15.74 9.58
N GLN A 11 -29.56 -15.61 9.75
CA GLN A 11 -30.09 -14.78 10.83
C GLN A 11 -30.22 -15.47 12.16
N GLY A 12 -30.37 -16.78 12.11
CA GLY A 12 -30.46 -17.58 13.32
C GLY A 12 -31.57 -17.29 14.30
N SER A 13 -31.51 -18.03 15.40
CA SER A 13 -32.46 -17.95 16.49
C SER A 13 -32.55 -16.60 17.23
N TYR A 14 -31.68 -15.66 16.90
CA TYR A 14 -31.70 -14.35 17.56
C TYR A 14 -32.06 -13.26 16.61
N GLY A 15 -32.15 -13.57 15.31
CA GLY A 15 -32.50 -12.57 14.30
C GLY A 15 -31.38 -11.57 14.02
N PHE A 16 -30.21 -12.10 13.72
CA PHE A 16 -29.04 -11.29 13.45
C PHE A 16 -29.04 -10.63 12.09
N ARG A 17 -28.84 -9.32 12.08
CA ARG A 17 -28.76 -8.55 10.85
C ARG A 17 -27.85 -7.38 11.11
N LEU A 18 -27.42 -6.74 10.03
CA LEU A 18 -26.52 -5.59 10.08
C LEU A 18 -27.17 -4.26 9.72
N GLY A 19 -26.74 -3.20 10.38
CA GLY A 19 -27.26 -1.87 10.11
C GLY A 19 -26.09 -0.94 9.83
N PHE A 20 -26.31 0.12 9.06
CA PHE A 20 -25.25 1.07 8.77
C PHE A 20 -25.82 2.45 8.95
N LEU A 21 -24.96 3.39 9.26
CA LEU A 21 -25.36 4.78 9.46
C LEU A 21 -25.86 5.35 8.12
N HIS A 22 -26.77 6.30 8.16
CA HIS A 22 -27.30 6.88 6.92
C HIS A 22 -26.62 8.21 6.68
N SER A 23 -25.35 8.10 6.30
CA SER A 23 -24.49 9.22 5.98
C SER A 23 -24.86 9.45 4.53
N GLY A 24 -24.31 10.45 3.88
CA GLY A 24 -24.69 10.60 2.49
C GLY A 24 -23.49 10.43 1.61
N THR A 25 -23.45 11.15 0.49
CA THR A 25 -22.29 11.11 -0.37
C THR A 25 -21.60 12.48 -0.44
N ALA A 26 -21.72 13.27 0.62
CA ALA A 26 -21.05 14.55 0.67
C ALA A 26 -19.55 14.23 0.59
N LYS A 27 -18.75 15.10 0.00
CA LYS A 27 -17.33 14.81 -0.07
C LYS A 27 -16.74 14.77 1.35
N SER A 28 -17.51 15.20 2.34
CA SER A 28 -16.98 15.18 3.70
C SER A 28 -17.10 13.82 4.41
N VAL A 29 -17.94 12.92 3.92
CA VAL A 29 -18.10 11.64 4.62
C VAL A 29 -16.83 10.80 4.55
N THR A 30 -16.59 10.14 5.67
CA THR A 30 -15.43 9.28 5.92
C THR A 30 -15.71 7.82 5.61
N CYS A 31 -16.97 7.45 5.76
CA CYS A 31 -17.44 6.09 5.55
C CYS A 31 -18.86 6.26 5.01
N THR A 32 -19.27 5.46 4.04
CA THR A 32 -20.63 5.59 3.53
C THR A 32 -21.08 4.29 2.90
N TYR A 33 -22.26 3.82 3.30
CA TYR A 33 -22.80 2.55 2.82
C TYR A 33 -23.89 2.75 1.75
N SER A 34 -23.88 1.88 0.72
CA SER A 34 -24.84 1.94 -0.36
C SER A 34 -25.76 0.74 -0.28
N PRO A 35 -27.05 0.96 0.00
CA PRO A 35 -27.98 -0.17 0.08
C PRO A 35 -28.17 -0.82 -1.28
N ALA A 36 -28.19 0.01 -2.33
CA ALA A 36 -28.39 -0.53 -3.66
C ALA A 36 -27.28 -1.52 -4.01
N LEU A 37 -26.05 -1.12 -3.71
CA LEU A 37 -24.87 -1.90 -4.01
C LEU A 37 -24.43 -2.83 -2.89
N ASN A 38 -25.10 -2.78 -1.74
CA ASN A 38 -24.72 -3.54 -0.53
C ASN A 38 -23.20 -3.39 -0.40
N LYS A 39 -22.76 -2.15 -0.50
CA LYS A 39 -21.36 -1.83 -0.50
C LYS A 39 -21.01 -0.61 0.37
N MET A 40 -19.96 -0.77 1.16
CA MET A 40 -19.43 0.24 2.04
C MET A 40 -18.24 0.94 1.38
N PHE A 41 -18.20 2.25 1.48
CA PHE A 41 -17.13 3.04 0.93
C PHE A 41 -16.54 3.77 2.13
N CYS A 42 -15.23 3.58 2.36
CA CYS A 42 -14.54 4.19 3.51
C CYS A 42 -13.11 4.65 3.22
N GLN A 43 -12.56 5.41 4.15
CA GLN A 43 -11.18 5.87 4.01
C GLN A 43 -10.27 5.00 4.82
N LEU A 44 -9.10 4.70 4.26
CA LEU A 44 -8.09 3.90 4.95
C LEU A 44 -7.93 4.38 6.41
N ALA A 45 -8.10 3.44 7.34
CA ALA A 45 -7.97 3.65 8.80
C ALA A 45 -8.95 4.54 9.57
N LYS A 46 -10.04 4.97 8.95
CA LYS A 46 -11.02 5.79 9.66
C LYS A 46 -12.07 4.88 10.33
N THR A 47 -12.92 5.43 11.18
CA THR A 47 -13.95 4.64 11.86
C THR A 47 -15.00 4.17 10.87
N CYS A 48 -15.44 2.93 11.00
CA CYS A 48 -16.49 2.36 10.15
C CYS A 48 -17.51 1.77 11.10
N PRO A 49 -18.53 2.54 11.48
CA PRO A 49 -19.49 1.93 12.40
C PRO A 49 -20.31 0.85 11.70
N VAL A 50 -20.38 -0.32 12.32
CA VAL A 50 -21.17 -1.42 11.81
C VAL A 50 -22.11 -1.77 12.97
N GLN A 51 -23.42 -1.80 12.72
CA GLN A 51 -24.37 -2.09 13.78
C GLN A 51 -24.90 -3.51 13.69
N LEU A 52 -25.14 -4.07 14.86
CA LEU A 52 -25.66 -5.42 15.00
C LEU A 52 -27.07 -5.29 15.47
N TRP A 53 -28.00 -5.82 14.68
CA TRP A 53 -29.41 -5.81 15.05
C TRP A 53 -29.79 -7.25 15.33
N VAL A 54 -30.51 -7.44 16.42
CA VAL A 54 -30.91 -8.75 16.90
C VAL A 54 -32.32 -8.65 17.53
N ASP A 55 -33.10 -9.73 17.50
CA ASP A 55 -34.45 -9.74 18.05
C ASP A 55 -34.55 -10.15 19.51
N SER A 56 -33.75 -11.13 19.93
CA SER A 56 -33.73 -11.55 21.33
C SER A 56 -32.28 -11.44 21.71
N THR A 57 -31.98 -11.08 22.95
CA THR A 57 -30.60 -10.94 23.35
C THR A 57 -29.83 -12.26 23.48
N PRO A 58 -28.69 -12.38 22.75
CA PRO A 58 -27.81 -13.55 22.73
C PRO A 58 -27.29 -13.82 24.14
N PRO A 59 -27.02 -15.09 24.45
CA PRO A 59 -26.53 -15.49 25.76
C PRO A 59 -25.12 -14.98 26.05
N PRO A 60 -24.80 -14.77 27.34
CA PRO A 60 -23.48 -14.28 27.76
C PRO A 60 -22.35 -15.13 27.15
N GLY A 61 -21.25 -14.49 26.80
CA GLY A 61 -20.17 -15.22 26.18
C GLY A 61 -20.23 -15.22 24.65
N THR A 62 -21.25 -14.58 24.08
CA THR A 62 -21.39 -14.48 22.63
C THR A 62 -20.27 -13.58 22.14
N ARG A 63 -19.77 -13.86 20.95
CA ARG A 63 -18.68 -13.11 20.36
C ARG A 63 -19.07 -12.71 18.95
N VAL A 64 -18.41 -11.66 18.41
CA VAL A 64 -18.67 -11.15 17.05
C VAL A 64 -17.37 -11.07 16.25
N ARG A 65 -17.33 -11.79 15.15
CA ARG A 65 -16.14 -11.86 14.31
C ARG A 65 -16.25 -11.27 12.89
N ALA A 66 -15.14 -10.73 12.36
CA ALA A 66 -15.12 -10.15 11.00
C ALA A 66 -13.96 -10.70 10.14
N MET A 67 -14.21 -10.94 8.85
CA MET A 67 -13.19 -11.48 7.90
C MET A 67 -13.35 -10.99 6.44
N ALA A 68 -12.26 -10.68 5.77
CA ALA A 68 -12.31 -10.22 4.38
C ALA A 68 -11.93 -11.33 3.40
N ILE A 69 -12.63 -11.39 2.27
CA ILE A 69 -12.35 -12.37 1.22
C ILE A 69 -12.45 -11.65 -0.13
N TYR A 70 -11.76 -12.16 -1.14
CA TYR A 70 -11.83 -11.53 -2.45
C TYR A 70 -13.22 -11.85 -3.04
N LYS A 71 -13.83 -10.88 -3.71
CA LYS A 71 -15.16 -11.04 -4.31
C LYS A 71 -15.18 -11.90 -5.59
N GLN A 72 -14.21 -11.73 -6.47
CA GLN A 72 -14.13 -12.52 -7.71
C GLN A 72 -13.70 -13.97 -7.47
N SER A 73 -14.37 -14.89 -8.16
CA SER A 73 -14.11 -16.33 -8.04
C SER A 73 -12.69 -16.75 -8.37
N GLN A 74 -12.07 -16.03 -9.29
CA GLN A 74 -10.71 -16.31 -9.71
C GLN A 74 -9.68 -15.94 -8.63
N HIS A 75 -10.07 -15.13 -7.64
CA HIS A 75 -9.18 -14.71 -6.56
C HIS A 75 -9.60 -15.19 -5.18
N MET A 76 -10.80 -15.74 -5.09
CA MET A 76 -11.35 -16.20 -3.83
C MET A 76 -10.46 -17.07 -2.95
N THR A 77 -9.46 -17.74 -3.52
CA THR A 77 -8.59 -18.60 -2.70
C THR A 77 -7.35 -17.87 -2.12
N GLU A 78 -7.09 -16.67 -2.59
CA GLU A 78 -5.97 -15.90 -2.10
C GLU A 78 -6.40 -15.15 -0.82
N VAL A 79 -5.76 -15.47 0.30
CA VAL A 79 -6.05 -14.82 1.58
C VAL A 79 -5.84 -13.31 1.45
N VAL A 80 -6.80 -12.55 1.98
CA VAL A 80 -6.75 -11.09 1.94
C VAL A 80 -5.85 -10.61 3.09
N ARG A 81 -4.81 -9.88 2.72
CA ARG A 81 -3.87 -9.36 3.69
C ARG A 81 -3.32 -8.04 3.19
N ARG A 82 -2.60 -7.35 4.06
CA ARG A 82 -2.03 -6.05 3.69
C ARG A 82 -0.85 -6.17 2.72
N CYS A 83 -0.68 -5.13 1.90
CA CYS A 83 0.41 -5.06 0.92
C CYS A 83 1.75 -4.94 1.66
N PRO A 84 2.86 -5.29 0.97
CA PRO A 84 4.21 -5.23 1.54
C PRO A 84 4.53 -3.98 2.37
N HIS A 85 4.26 -2.80 1.82
CA HIS A 85 4.53 -1.57 2.55
C HIS A 85 3.68 -1.41 3.81
N HIS A 86 2.38 -1.59 3.68
CA HIS A 86 1.53 -1.42 4.84
C HIS A 86 1.88 -2.41 5.92
N GLU A 87 2.14 -3.63 5.50
CA GLU A 87 2.50 -4.66 6.44
C GLU A 87 3.69 -4.19 7.30
N ARG A 88 4.60 -3.41 6.70
CA ARG A 88 5.78 -2.94 7.43
C ARG A 88 5.89 -1.51 7.91
N CYS A 89 4.84 -0.70 7.72
CA CYS A 89 4.87 0.69 8.20
C CYS A 89 4.60 0.71 9.71
N SER A 90 4.86 1.83 10.36
CA SER A 90 4.67 1.88 11.79
C SER A 90 3.32 2.37 12.27
N ASP A 91 2.28 1.56 12.06
CA ASP A 91 0.95 1.98 12.49
C ASP A 91 0.27 1.09 13.51
N SER A 92 1.03 0.24 14.19
CA SER A 92 0.44 -0.65 15.17
C SER A 92 -0.26 0.09 16.28
N ASP A 93 -1.26 -0.56 16.83
CA ASP A 93 -2.00 -0.01 17.95
C ASP A 93 -1.60 -0.85 19.16
N GLY A 94 -0.70 -1.81 18.93
CA GLY A 94 -0.25 -2.68 20.00
C GLY A 94 -1.17 -3.86 20.26
N LEU A 95 -2.13 -4.06 19.38
CA LEU A 95 -3.01 -5.16 19.59
C LEU A 95 -3.15 -5.90 18.28
N ALA A 96 -3.12 -5.16 17.18
CA ALA A 96 -3.29 -5.76 15.86
C ALA A 96 -2.07 -6.33 15.17
N PRO A 97 -2.21 -7.53 14.55
CA PRO A 97 -1.09 -8.13 13.84
C PRO A 97 -0.82 -7.18 12.66
N PRO A 98 0.45 -6.96 12.30
CA PRO A 98 0.75 -6.05 11.19
C PRO A 98 0.24 -6.38 9.81
N GLN A 99 -0.11 -7.63 9.56
CA GLN A 99 -0.57 -8.03 8.24
C GLN A 99 -2.07 -7.98 8.11
N HIS A 100 -2.76 -7.86 9.24
CA HIS A 100 -4.24 -7.84 9.25
C HIS A 100 -4.87 -6.60 8.64
N LEU A 101 -5.81 -6.81 7.71
CA LEU A 101 -6.51 -5.70 7.06
C LEU A 101 -7.54 -5.02 7.95
N ILE A 102 -8.32 -5.81 8.69
CA ILE A 102 -9.37 -5.25 9.53
C ILE A 102 -9.00 -5.18 11.00
N ARG A 103 -9.26 -4.03 11.60
CA ARG A 103 -8.99 -3.79 13.01
C ARG A 103 -10.28 -3.28 13.70
N VAL A 104 -10.38 -3.47 15.00
CA VAL A 104 -11.50 -2.95 15.77
C VAL A 104 -10.90 -1.90 16.71
N GLU A 105 -11.43 -0.69 16.65
CA GLU A 105 -10.95 0.40 17.47
C GLU A 105 -11.79 0.57 18.73
N GLY A 106 -11.19 1.14 19.77
CA GLY A 106 -11.90 1.37 21.02
C GLY A 106 -12.40 0.19 21.84
N ASN A 107 -11.72 -0.95 21.78
CA ASN A 107 -12.16 -2.11 22.56
C ASN A 107 -10.93 -2.90 23.04
N LEU A 108 -10.68 -2.85 24.35
CA LEU A 108 -9.54 -3.53 24.96
C LEU A 108 -9.68 -5.03 25.04
N ARG A 109 -10.84 -5.52 24.59
CA ARG A 109 -11.14 -6.93 24.62
C ARG A 109 -11.14 -7.56 23.26
N VAL A 110 -10.61 -6.83 22.27
CA VAL A 110 -10.52 -7.33 20.89
C VAL A 110 -9.51 -8.48 20.86
N GLU A 111 -9.69 -9.43 19.94
CA GLU A 111 -8.77 -10.56 19.80
C GLU A 111 -8.56 -10.80 18.33
N TYR A 112 -7.32 -11.06 17.95
CA TYR A 112 -7.00 -11.31 16.55
C TYR A 112 -6.64 -12.76 16.31
N LEU A 113 -6.93 -13.25 15.10
CA LEU A 113 -6.67 -14.64 14.76
C LEU A 113 -6.02 -14.85 13.40
N ASP A 114 -4.99 -15.71 13.40
CA ASP A 114 -4.26 -16.14 12.20
C ASP A 114 -4.66 -17.62 12.23
N ASP A 115 -5.47 -18.04 11.27
CA ASP A 115 -5.96 -19.42 11.23
C ASP A 115 -4.81 -20.37 10.99
N ARG A 116 -4.64 -21.31 11.92
CA ARG A 116 -3.56 -22.28 11.83
C ARG A 116 -3.67 -23.14 10.59
N ASN A 117 -4.89 -23.30 10.09
CA ASN A 117 -5.12 -24.15 8.93
C ASN A 117 -5.44 -23.45 7.63
N THR A 118 -6.26 -22.41 7.68
CA THR A 118 -6.63 -21.70 6.45
C THR A 118 -5.71 -20.51 6.15
N PHE A 119 -5.05 -19.99 7.19
CA PHE A 119 -4.16 -18.83 7.11
C PHE A 119 -4.93 -17.52 6.87
N ARG A 120 -6.21 -17.55 7.18
CA ARG A 120 -7.03 -16.38 6.98
C ARG A 120 -7.10 -15.62 8.30
N HIS A 121 -7.01 -14.32 8.19
CA HIS A 121 -7.04 -13.43 9.33
C HIS A 121 -8.47 -13.03 9.77
N SER A 122 -8.67 -12.78 11.06
CA SER A 122 -9.96 -12.31 11.53
C SER A 122 -9.81 -11.63 12.90
N VAL A 123 -10.82 -10.85 13.29
CA VAL A 123 -10.85 -10.08 14.55
C VAL A 123 -12.16 -10.42 15.26
N VAL A 124 -12.11 -10.59 16.58
CA VAL A 124 -13.30 -10.89 17.41
C VAL A 124 -13.34 -9.99 18.65
N VAL A 125 -14.55 -9.68 19.10
CA VAL A 125 -14.80 -8.87 20.29
C VAL A 125 -16.05 -9.45 20.97
N PRO A 126 -16.16 -9.32 22.30
CA PRO A 126 -17.33 -9.83 22.99
C PRO A 126 -18.62 -9.09 22.58
N TYR A 127 -19.73 -9.82 22.57
CA TYR A 127 -20.99 -9.20 22.23
C TYR A 127 -21.52 -8.49 23.46
N GLU A 128 -21.89 -7.23 23.29
CA GLU A 128 -22.45 -6.41 24.35
C GLU A 128 -23.82 -5.96 23.84
N PRO A 129 -24.89 -6.24 24.62
CA PRO A 129 -26.25 -5.85 24.24
C PRO A 129 -26.36 -4.32 24.12
N PRO A 130 -27.43 -3.82 23.48
CA PRO A 130 -27.63 -2.37 23.32
C PRO A 130 -27.57 -1.54 24.59
N GLU A 131 -27.04 -0.33 24.43
CA GLU A 131 -26.87 0.64 25.50
C GLU A 131 -28.21 1.01 26.11
N VAL A 132 -28.13 1.58 27.31
CA VAL A 132 -29.29 2.03 28.09
C VAL A 132 -30.48 2.42 27.21
N GLY A 133 -30.26 3.36 26.29
CA GLY A 133 -31.31 3.80 25.40
C GLY A 133 -30.86 3.64 23.96
N SER A 134 -30.84 2.38 23.48
CA SER A 134 -30.37 2.07 22.15
C SER A 134 -31.07 0.81 21.58
N ASP A 135 -31.08 0.66 20.27
CA ASP A 135 -31.71 -0.51 19.63
C ASP A 135 -30.75 -1.46 18.92
N CYS A 136 -29.47 -1.14 18.98
CA CYS A 136 -28.47 -1.98 18.35
C CYS A 136 -27.16 -1.78 19.08
N THR A 137 -26.17 -2.62 18.74
CA THR A 137 -24.84 -2.46 19.33
C THR A 137 -23.89 -2.20 18.16
N THR A 138 -23.10 -1.14 18.31
CA THR A 138 -22.14 -0.71 17.29
C THR A 138 -20.70 -1.11 17.52
N ILE A 139 -20.03 -1.51 16.44
CA ILE A 139 -18.64 -1.89 16.50
C ILE A 139 -17.88 -0.96 15.54
N HIS A 140 -16.78 -0.36 15.98
CA HIS A 140 -16.02 0.50 15.08
C HIS A 140 -14.90 -0.28 14.45
N TYR A 141 -14.94 -0.41 13.13
CA TYR A 141 -13.88 -1.11 12.38
C TYR A 141 -12.94 -0.11 11.72
N ASN A 142 -11.79 -0.59 11.26
CA ASN A 142 -10.81 0.22 10.55
C ASN A 142 -10.23 -0.69 9.48
N TYR A 143 -10.11 -0.22 8.25
CA TYR A 143 -9.51 -1.03 7.18
C TYR A 143 -8.14 -0.41 6.93
N MET A 144 -7.11 -1.24 7.05
CA MET A 144 -5.70 -0.81 6.97
C MET A 144 -4.87 -0.84 5.66
N CYS A 145 -5.56 -0.86 4.52
CA CYS A 145 -4.95 -0.84 3.18
C CYS A 145 -6.03 -0.30 2.23
N ASN A 146 -5.63 0.28 1.10
CA ASN A 146 -6.59 0.79 0.12
C ASN A 146 -6.85 -0.34 -0.84
N SER A 147 -7.99 -0.29 -1.52
CA SER A 147 -8.36 -1.32 -2.48
C SER A 147 -7.36 -1.34 -3.62
N SER A 148 -6.75 -0.20 -3.87
CA SER A 148 -5.78 -0.06 -4.95
C SER A 148 -4.38 -0.56 -4.64
N CYS A 149 -4.06 -0.65 -3.34
CA CYS A 149 -2.73 -1.07 -2.87
C CYS A 149 -2.01 -2.12 -3.70
N MET A 150 -1.08 -1.66 -4.55
CA MET A 150 -0.30 -2.55 -5.40
C MET A 150 0.44 -3.53 -4.51
N GLY A 151 0.26 -4.82 -4.80
CA GLY A 151 0.90 -5.85 -4.02
C GLY A 151 -0.07 -6.39 -2.98
N GLY A 152 -1.06 -5.57 -2.61
CA GLY A 152 -2.05 -5.98 -1.63
C GLY A 152 -3.33 -6.40 -2.32
N MET A 153 -4.41 -5.66 -2.07
CA MET A 153 -5.69 -5.97 -2.73
C MET A 153 -5.51 -5.75 -4.24
N ASN A 154 -4.56 -4.88 -4.59
CA ASN A 154 -4.19 -4.58 -5.98
C ASN A 154 -5.37 -4.34 -6.89
N ARG A 155 -6.25 -3.46 -6.42
CA ARG A 155 -7.44 -3.10 -7.18
C ARG A 155 -8.41 -4.26 -7.39
N ARG A 156 -8.47 -5.19 -6.46
CA ARG A 156 -9.41 -6.30 -6.58
C ARG A 156 -10.44 -6.19 -5.45
N PRO A 157 -11.73 -6.19 -5.80
CA PRO A 157 -12.82 -6.09 -4.82
C PRO A 157 -12.81 -7.20 -3.77
N ILE A 158 -13.21 -6.84 -2.57
CA ILE A 158 -13.26 -7.79 -1.47
C ILE A 158 -14.60 -7.65 -0.76
N LEU A 159 -14.92 -8.61 0.10
CA LEU A 159 -16.15 -8.59 0.88
C LEU A 159 -15.75 -8.72 2.34
N THR A 160 -16.58 -8.22 3.24
CA THR A 160 -16.35 -8.39 4.66
C THR A 160 -17.52 -9.24 5.18
N ILE A 161 -17.19 -10.30 5.92
CA ILE A 161 -18.18 -11.22 6.49
C ILE A 161 -18.15 -11.12 8.01
N ILE A 162 -19.30 -10.79 8.59
CA ILE A 162 -19.50 -10.67 10.04
C ILE A 162 -20.27 -11.91 10.50
N THR A 163 -19.83 -12.52 11.59
CA THR A 163 -20.52 -13.69 12.10
C THR A 163 -20.66 -13.62 13.62
N LEU A 164 -21.83 -14.03 14.10
CA LEU A 164 -22.14 -14.09 15.52
C LEU A 164 -21.80 -15.53 15.90
N GLU A 165 -21.16 -15.72 17.05
CA GLU A 165 -20.80 -17.07 17.48
C GLU A 165 -20.85 -17.23 19.00
N ASP A 166 -21.17 -18.43 19.45
CA ASP A 166 -21.20 -18.66 20.90
C ASP A 166 -19.76 -18.68 21.48
N SER A 167 -19.65 -18.65 22.80
CA SER A 167 -18.34 -18.67 23.47
C SER A 167 -17.51 -19.84 22.97
N SER A 168 -18.17 -20.88 22.52
CA SER A 168 -17.46 -22.04 22.01
C SER A 168 -17.09 -21.97 20.52
N GLY A 169 -17.43 -20.88 19.85
CA GLY A 169 -17.09 -20.75 18.44
C GLY A 169 -18.15 -21.14 17.42
N ASN A 170 -19.23 -21.74 17.89
CA ASN A 170 -20.32 -22.15 17.03
C ASN A 170 -21.12 -20.97 16.48
N LEU A 171 -21.47 -21.09 15.19
CA LEU A 171 -22.23 -20.07 14.45
C LEU A 171 -23.64 -19.78 14.94
N LEU A 172 -23.93 -18.51 15.16
CA LEU A 172 -25.27 -18.10 15.56
C LEU A 172 -25.87 -17.26 14.43
N GLY A 173 -25.02 -16.58 13.65
CA GLY A 173 -25.50 -15.76 12.55
C GLY A 173 -24.38 -15.29 11.64
N ARG A 174 -24.69 -14.98 10.39
CA ARG A 174 -23.69 -14.50 9.41
C ARG A 174 -24.31 -13.48 8.42
N ASN A 175 -23.55 -12.45 8.07
CA ASN A 175 -23.97 -11.41 7.15
C ASN A 175 -22.71 -10.91 6.46
N SER A 176 -22.84 -10.10 5.40
CA SER A 176 -21.67 -9.62 4.71
C SER A 176 -22.01 -8.39 3.88
N PHE A 177 -21.00 -7.71 3.38
CA PHE A 177 -21.18 -6.53 2.54
C PHE A 177 -19.91 -6.35 1.76
N GLU A 178 -19.98 -5.70 0.60
CA GLU A 178 -18.78 -5.47 -0.19
C GLU A 178 -18.13 -4.23 0.38
N VAL A 179 -16.80 -4.12 0.25
CA VAL A 179 -16.10 -2.96 0.78
C VAL A 179 -15.17 -2.39 -0.26
N ARG A 180 -14.98 -1.09 -0.19
CA ARG A 180 -14.08 -0.42 -1.08
C ARG A 180 -13.38 0.62 -0.22
N VAL A 181 -12.07 0.49 -0.09
CA VAL A 181 -11.33 1.44 0.73
C VAL A 181 -10.76 2.42 -0.30
N CYS A 182 -11.18 3.68 -0.20
CA CYS A 182 -10.73 4.66 -1.16
C CYS A 182 -10.67 6.02 -0.49
N ALA A 183 -10.01 6.97 -1.15
CA ALA A 183 -9.85 8.31 -0.62
C ALA A 183 -11.11 9.17 -0.67
N CYS A 184 -11.96 8.91 -1.66
CA CYS A 184 -13.20 9.65 -1.82
C CYS A 184 -14.37 8.71 -1.73
N PRO A 185 -14.77 8.31 -0.50
CA PRO A 185 -15.89 7.39 -0.29
C PRO A 185 -17.20 7.87 -0.98
N GLY A 186 -17.64 9.08 -0.64
CA GLY A 186 -18.86 9.63 -1.21
C GLY A 186 -18.85 9.73 -2.72
N ARG A 187 -17.78 10.31 -3.28
CA ARG A 187 -17.67 10.43 -4.74
C ARG A 187 -17.75 9.07 -5.44
N ASP A 188 -17.03 8.07 -4.94
CA ASP A 188 -17.05 6.75 -5.57
C ASP A 188 -18.41 6.07 -5.47
N ARG A 189 -19.11 6.27 -4.35
CA ARG A 189 -20.44 5.70 -4.16
C ARG A 189 -21.41 6.33 -5.17
N ARG A 190 -21.37 7.67 -5.29
CA ARG A 190 -22.21 8.38 -6.24
C ARG A 190 -21.95 7.89 -7.66
N THR A 191 -20.69 7.91 -8.07
CA THR A 191 -20.34 7.46 -9.40
C THR A 191 -20.69 6.01 -9.68
N GLU A 192 -20.53 5.14 -8.71
CA GLU A 192 -20.86 3.73 -8.91
C GLU A 192 -22.37 3.51 -8.95
N GLU A 193 -23.11 4.38 -8.25
CA GLU A 193 -24.57 4.30 -8.22
C GLU A 193 -25.15 4.93 -9.50
N GLU A 194 -24.35 5.79 -10.14
CA GLU A 194 -24.72 6.48 -11.37
C GLU A 194 -24.71 5.56 -12.59
N PRO B 37 36.57 -8.31 -3.54
CA PRO B 37 35.88 -8.31 -2.21
C PRO B 37 34.93 -7.10 -2.08
N LEU B 38 33.66 -7.41 -1.82
CA LEU B 38 32.59 -6.42 -1.70
C LEU B 38 32.82 -5.36 -0.64
N ALA B 39 33.46 -5.76 0.45
CA ALA B 39 33.74 -4.86 1.54
C ALA B 39 34.67 -3.74 1.08
N LEU B 40 35.48 -4.07 0.08
CA LEU B 40 36.44 -3.12 -0.46
C LEU B 40 35.68 -2.02 -1.19
N LEU B 41 34.71 -2.42 -2.00
CA LEU B 41 33.88 -1.50 -2.77
C LEU B 41 33.06 -0.62 -1.83
N LEU B 42 32.44 -1.24 -0.83
CA LEU B 42 31.61 -0.50 0.11
C LEU B 42 32.33 0.63 0.84
N ASP B 43 33.51 0.33 1.38
CA ASP B 43 34.28 1.32 2.12
C ASP B 43 35.07 2.32 1.31
N SER B 44 35.57 1.90 0.14
CA SER B 44 36.30 2.83 -0.70
C SER B 44 35.30 3.85 -1.23
N SER B 45 34.06 3.39 -1.48
CA SER B 45 32.96 4.26 -1.93
C SER B 45 32.61 5.24 -0.81
N LEU B 46 32.48 4.70 0.40
CA LEU B 46 32.16 5.46 1.59
C LEU B 46 33.27 6.47 1.83
N GLU B 47 34.50 5.98 1.75
CA GLU B 47 35.70 6.78 1.96
C GLU B 47 36.13 7.64 0.77
N GLY B 48 35.59 7.38 -0.40
CA GLY B 48 35.98 8.17 -1.55
C GLY B 48 37.33 7.80 -2.15
N GLU B 49 37.63 6.50 -2.21
CA GLU B 49 38.86 6.03 -2.82
C GLU B 49 38.48 5.62 -4.22
N PHE B 50 38.31 6.60 -5.12
CA PHE B 50 37.90 6.38 -6.52
C PHE B 50 38.83 5.46 -7.31
N ASP B 51 40.13 5.57 -7.09
CA ASP B 51 41.10 4.72 -7.77
C ASP B 51 40.86 3.30 -7.36
N LEU B 52 40.73 3.11 -6.04
CA LEU B 52 40.48 1.78 -5.45
C LEU B 52 39.15 1.21 -5.93
N VAL B 53 38.07 1.98 -5.79
CA VAL B 53 36.75 1.54 -6.23
C VAL B 53 36.90 0.96 -7.63
N GLN B 54 37.51 1.74 -8.52
CA GLN B 54 37.72 1.35 -9.90
C GLN B 54 38.54 0.07 -10.11
N ARG B 55 39.47 -0.18 -9.20
CA ARG B 55 40.30 -1.38 -9.27
C ARG B 55 39.51 -2.65 -8.95
N ILE B 56 38.87 -2.70 -7.77
CA ILE B 56 38.12 -3.89 -7.35
C ILE B 56 36.74 -4.14 -7.95
N ILE B 57 36.14 -3.13 -8.55
CA ILE B 57 34.82 -3.33 -9.14
C ILE B 57 34.89 -4.45 -10.17
N TYR B 58 36.05 -4.63 -10.78
CA TYR B 58 36.18 -5.69 -11.76
C TYR B 58 36.42 -7.01 -11.04
N GLU B 59 36.99 -6.95 -9.84
CA GLU B 59 37.23 -8.14 -9.03
C GLU B 59 35.98 -8.51 -8.26
N VAL B 60 34.89 -8.55 -9.03
CA VAL B 60 33.50 -8.85 -8.68
C VAL B 60 32.69 -7.85 -9.50
N ASP B 61 32.81 -8.00 -10.82
CA ASP B 61 32.14 -7.20 -11.85
C ASP B 61 30.66 -7.59 -11.86
N ASP B 62 30.27 -8.12 -10.70
CA ASP B 62 28.96 -8.60 -10.35
C ASP B 62 28.90 -8.10 -8.89
N PRO B 63 29.11 -6.78 -8.67
CA PRO B 63 29.08 -6.24 -7.30
C PRO B 63 27.98 -6.87 -6.44
N SER B 64 26.73 -6.60 -6.82
CA SER B 64 25.56 -7.14 -6.12
C SER B 64 25.64 -6.82 -4.61
N LEU B 65 26.15 -5.62 -4.34
CA LEU B 65 26.36 -5.12 -3.00
C LEU B 65 25.08 -4.96 -2.25
N PRO B 66 25.01 -5.55 -1.08
CA PRO B 66 23.78 -5.40 -0.33
C PRO B 66 24.11 -5.02 1.11
N ASN B 67 25.10 -5.69 1.70
CA ASN B 67 25.50 -5.46 3.09
C ASN B 67 24.34 -5.85 4.03
N ASP B 68 24.66 -6.42 5.19
CA ASP B 68 23.67 -6.87 6.16
C ASP B 68 22.54 -5.90 6.56
N GLU B 69 22.73 -4.61 6.26
CA GLU B 69 21.75 -3.57 6.58
C GLU B 69 21.05 -3.08 5.31
N GLY B 70 21.50 -3.58 4.16
CA GLY B 70 20.88 -3.18 2.92
C GLY B 70 21.54 -2.01 2.22
N ILE B 71 22.60 -1.49 2.82
CA ILE B 71 23.31 -0.38 2.21
C ILE B 71 24.29 -0.95 1.18
N THR B 72 24.33 -0.34 0.01
CA THR B 72 25.21 -0.78 -1.05
C THR B 72 26.28 0.28 -1.28
N ALA B 73 27.14 0.05 -2.28
CA ALA B 73 28.21 0.99 -2.62
C ALA B 73 27.60 2.31 -3.08
N LEU B 74 26.55 2.21 -3.91
CA LEU B 74 25.84 3.38 -4.42
C LEU B 74 25.12 4.17 -3.32
N HIS B 75 24.81 3.51 -2.22
CA HIS B 75 24.19 4.20 -1.10
C HIS B 75 25.29 5.01 -0.39
N ASN B 76 26.44 4.37 -0.19
CA ASN B 76 27.60 4.98 0.48
C ASN B 76 28.16 6.20 -0.24
N ALA B 77 28.25 6.08 -1.57
CA ALA B 77 28.75 7.16 -2.43
C ALA B 77 27.83 8.38 -2.37
N VAL B 78 26.53 8.14 -2.56
CA VAL B 78 25.50 9.18 -2.51
C VAL B 78 25.53 9.84 -1.12
N CYS B 79 25.63 9.00 -0.10
CA CYS B 79 25.67 9.47 1.28
C CYS B 79 26.89 10.30 1.63
N ALA B 80 28.07 9.79 1.33
CA ALA B 80 29.31 10.51 1.60
C ALA B 80 29.44 11.69 0.63
N GLY B 81 28.66 11.66 -0.46
CA GLY B 81 28.70 12.71 -1.46
C GLY B 81 29.90 12.63 -2.36
N HIS B 82 30.02 11.57 -3.14
CA HIS B 82 31.15 11.42 -4.03
C HIS B 82 30.64 11.23 -5.44
N THR B 83 30.10 12.32 -5.98
CA THR B 83 29.51 12.41 -7.30
C THR B 83 30.18 11.60 -8.38
N GLU B 84 31.50 11.71 -8.44
CA GLU B 84 32.29 10.99 -9.42
C GLU B 84 32.12 9.46 -9.25
N ILE B 85 32.06 8.99 -8.00
CA ILE B 85 31.90 7.58 -7.72
C ILE B 85 30.46 7.22 -8.04
N VAL B 86 29.54 8.11 -7.68
CA VAL B 86 28.12 7.93 -7.93
C VAL B 86 27.90 7.74 -9.43
N LYS B 87 28.60 8.58 -10.20
CA LYS B 87 28.57 8.58 -11.66
C LYS B 87 29.15 7.27 -12.20
N PHE B 88 30.37 6.96 -11.73
CA PHE B 88 31.06 5.74 -12.14
C PHE B 88 30.22 4.49 -11.92
N LEU B 89 29.75 4.29 -10.69
CA LEU B 89 28.95 3.10 -10.30
C LEU B 89 27.65 2.92 -11.12
N VAL B 90 26.90 4.02 -11.26
CA VAL B 90 25.65 4.02 -12.01
C VAL B 90 25.98 3.71 -13.46
N GLN B 91 27.00 4.40 -13.95
CA GLN B 91 27.49 4.22 -15.31
C GLN B 91 27.87 2.74 -15.46
N PHE B 92 28.55 2.22 -14.46
CA PHE B 92 28.99 0.84 -14.45
C PHE B 92 27.79 -0.08 -14.59
N GLY B 93 26.63 0.42 -14.17
CA GLY B 93 25.40 -0.35 -14.26
C GLY B 93 24.83 -0.76 -12.92
N VAL B 94 25.38 -0.21 -11.86
CA VAL B 94 24.90 -0.51 -10.52
C VAL B 94 23.41 -0.15 -10.43
N ASN B 95 22.61 -1.02 -9.83
CA ASN B 95 21.18 -0.78 -9.67
C ASN B 95 20.92 0.51 -8.91
N VAL B 96 20.30 1.46 -9.59
CA VAL B 96 19.99 2.76 -9.02
C VAL B 96 18.92 2.72 -7.94
N ASN B 97 18.11 1.66 -7.93
CA ASN B 97 17.03 1.58 -6.97
C ASN B 97 17.20 0.61 -5.81
N ALA B 98 18.43 0.38 -5.38
CA ALA B 98 18.66 -0.54 -4.28
C ALA B 98 18.05 0.05 -3.00
N ALA B 99 17.28 -0.74 -2.26
CA ALA B 99 16.64 -0.28 -1.02
C ALA B 99 17.21 -0.96 0.22
N ASP B 100 17.51 -0.18 1.25
CA ASP B 100 18.07 -0.78 2.45
C ASP B 100 16.97 -1.22 3.43
N SER B 101 17.37 -1.56 4.66
CA SER B 101 16.45 -1.97 5.73
C SER B 101 15.14 -1.17 5.72
N ASP B 102 15.22 0.14 5.88
CA ASP B 102 13.99 0.90 5.93
C ASP B 102 13.44 1.35 4.58
N GLY B 103 13.89 0.71 3.50
CA GLY B 103 13.40 1.07 2.18
C GLY B 103 14.04 2.27 1.50
N TRP B 104 15.09 2.81 2.12
CA TRP B 104 15.82 3.95 1.57
C TRP B 104 16.64 3.55 0.35
N THR B 105 16.40 4.23 -0.76
CA THR B 105 17.10 4.00 -2.01
C THR B 105 18.13 5.14 -2.09
N PRO B 106 19.03 5.13 -3.11
CA PRO B 106 20.03 6.22 -3.23
C PRO B 106 19.36 7.57 -3.48
N LEU B 107 18.19 7.58 -4.12
CA LEU B 107 17.46 8.82 -4.38
C LEU B 107 17.00 9.38 -3.04
N HIS B 108 16.49 8.51 -2.16
CA HIS B 108 16.05 8.94 -0.83
C HIS B 108 17.24 9.57 -0.11
N CYS B 109 18.44 8.99 -0.31
CA CYS B 109 19.69 9.46 0.28
C CYS B 109 20.18 10.79 -0.35
N ALA B 110 19.97 10.95 -1.66
CA ALA B 110 20.35 12.17 -2.37
C ALA B 110 19.47 13.33 -1.90
N ALA B 111 18.16 13.09 -1.87
CA ALA B 111 17.19 14.10 -1.43
C ALA B 111 17.35 14.51 0.03
N SER B 112 17.65 13.56 0.90
CA SER B 112 17.84 13.89 2.31
C SER B 112 19.05 14.81 2.44
N CYS B 113 19.91 14.76 1.44
CA CYS B 113 21.11 15.59 1.37
C CYS B 113 20.81 16.86 0.56
N ASN B 114 19.56 17.00 0.09
CA ASN B 114 19.13 18.14 -0.71
C ASN B 114 20.01 18.30 -1.95
N ASN B 115 20.47 17.18 -2.48
CA ASN B 115 21.36 17.17 -3.63
C ASN B 115 20.66 17.04 -5.00
N VAL B 116 20.16 18.17 -5.51
CA VAL B 116 19.45 18.24 -6.79
C VAL B 116 20.23 17.76 -7.99
N GLN B 117 21.54 17.98 -7.97
CA GLN B 117 22.42 17.57 -9.07
C GLN B 117 22.53 16.06 -9.14
N VAL B 118 22.74 15.43 -7.99
CA VAL B 118 22.81 13.98 -7.95
C VAL B 118 21.41 13.43 -8.24
N CYS B 119 20.38 14.10 -7.73
CA CYS B 119 18.98 13.72 -7.97
C CYS B 119 18.61 13.76 -9.44
N LYS B 120 19.10 14.79 -10.14
CA LYS B 120 18.88 14.95 -11.58
C LYS B 120 19.62 13.85 -12.36
N PHE B 121 20.80 13.46 -11.86
CA PHE B 121 21.59 12.39 -12.46
C PHE B 121 20.93 11.02 -12.30
N LEU B 122 20.55 10.65 -11.07
CA LEU B 122 19.91 9.36 -10.79
C LEU B 122 18.59 9.21 -11.57
N VAL B 123 17.74 10.23 -11.52
CA VAL B 123 16.45 10.22 -12.23
C VAL B 123 16.74 9.95 -13.68
N GLU B 124 17.69 10.73 -14.20
CA GLU B 124 18.16 10.64 -15.57
C GLU B 124 18.52 9.19 -15.87
N SER B 125 19.11 8.51 -14.91
CA SER B 125 19.52 7.14 -15.10
C SER B 125 18.61 6.03 -14.57
N GLY B 126 17.38 6.38 -14.19
CA GLY B 126 16.43 5.37 -13.73
C GLY B 126 15.90 5.30 -12.30
N ALA B 127 16.05 6.37 -11.54
CA ALA B 127 15.56 6.36 -10.17
C ALA B 127 14.04 6.15 -10.15
N ALA B 128 13.58 5.31 -9.22
CA ALA B 128 12.17 5.02 -9.01
C ALA B 128 11.70 6.15 -8.07
N VAL B 129 11.21 7.23 -8.67
CA VAL B 129 10.75 8.42 -7.95
C VAL B 129 9.70 8.18 -6.86
N PHE B 130 8.87 7.17 -7.06
CA PHE B 130 7.82 6.86 -6.09
C PHE B 130 8.14 5.79 -5.06
N ALA B 131 9.37 5.29 -5.06
CA ALA B 131 9.77 4.27 -4.10
C ALA B 131 9.61 4.93 -2.74
N MET B 132 9.03 4.21 -1.78
CA MET B 132 8.82 4.82 -0.50
C MET B 132 9.44 4.01 0.58
N THR B 133 9.70 4.66 1.71
CA THR B 133 10.31 4.01 2.86
C THR B 133 9.26 3.15 3.58
N TYR B 134 9.68 2.07 4.21
CA TYR B 134 8.71 1.23 4.89
C TYR B 134 8.65 1.44 6.40
N SER B 135 7.85 2.41 6.83
CA SER B 135 7.67 2.72 8.24
C SER B 135 6.89 4.00 8.26
N ASP B 136 7.46 5.00 7.62
CA ASP B 136 6.81 6.29 7.52
C ASP B 136 6.25 6.42 6.11
N MET B 137 6.61 5.45 5.27
CA MET B 137 6.20 5.37 3.86
C MET B 137 6.23 6.65 3.04
N GLN B 138 7.44 7.17 2.89
CA GLN B 138 7.68 8.39 2.17
C GLN B 138 8.61 8.21 0.98
N THR B 139 8.48 9.13 0.03
CA THR B 139 9.29 9.16 -1.19
C THR B 139 10.53 10.02 -0.95
N ALA B 140 11.42 10.05 -1.95
CA ALA B 140 12.65 10.82 -1.87
C ALA B 140 12.34 12.29 -1.68
N ALA B 141 11.36 12.79 -2.44
CA ALA B 141 10.91 14.19 -2.39
C ALA B 141 10.59 14.63 -0.97
N ASP B 142 9.97 13.71 -0.22
CA ASP B 142 9.57 13.92 1.18
C ASP B 142 10.76 13.95 2.13
N LYS B 143 11.88 13.38 1.69
CA LYS B 143 13.11 13.29 2.48
C LYS B 143 13.96 14.57 2.51
N CYS B 144 13.75 15.43 1.51
CA CYS B 144 14.50 16.68 1.38
C CYS B 144 14.67 17.52 2.66
N GLU B 145 15.91 17.89 2.96
CA GLU B 145 16.25 18.71 4.11
C GLU B 145 15.89 18.06 5.43
N GLU B 146 16.91 17.56 6.15
CA GLU B 146 16.70 16.89 7.44
C GLU B 146 15.75 17.71 8.30
N MET B 147 15.96 19.02 8.29
CA MET B 147 15.17 20.01 9.01
C MET B 147 15.86 21.36 8.90
N GLU B 148 15.36 22.22 8.02
CA GLU B 148 15.93 23.55 7.74
C GLU B 148 17.26 23.43 6.96
N GLU B 149 17.99 22.35 7.24
CA GLU B 149 19.28 22.01 6.64
C GLU B 149 19.59 22.36 5.19
N GLY B 150 20.89 22.61 4.96
CA GLY B 150 21.47 22.95 3.66
C GLY B 150 20.56 23.30 2.49
N TYR B 151 19.68 24.26 2.76
CA TYR B 151 18.66 24.74 1.81
C TYR B 151 18.04 23.74 0.83
N THR B 152 16.82 23.36 1.19
CA THR B 152 15.99 22.43 0.45
C THR B 152 16.01 22.70 -1.05
N GLN B 153 14.96 23.37 -1.57
CA GLN B 153 14.83 23.70 -3.00
C GLN B 153 15.09 22.51 -3.97
N CYS B 154 15.47 21.37 -3.39
CA CYS B 154 15.76 20.11 -4.05
C CYS B 154 14.40 19.50 -4.22
N SER B 155 13.62 19.64 -3.15
CA SER B 155 12.26 19.17 -3.06
C SER B 155 11.47 19.54 -4.31
N GLN B 156 11.59 20.79 -4.73
CA GLN B 156 10.90 21.27 -5.91
C GLN B 156 11.19 20.40 -7.11
N PHE B 157 12.47 20.09 -7.33
CA PHE B 157 12.87 19.26 -8.46
C PHE B 157 12.12 17.94 -8.42
N LEU B 158 12.27 17.26 -7.29
CA LEU B 158 11.64 15.98 -7.13
C LEU B 158 10.13 16.05 -7.19
N TYR B 159 9.57 17.08 -6.55
CA TYR B 159 8.12 17.29 -6.57
C TYR B 159 7.67 17.60 -7.98
N GLY B 160 8.54 18.25 -8.75
CA GLY B 160 8.22 18.56 -10.12
C GLY B 160 8.02 17.28 -10.91
N VAL B 161 8.99 16.38 -10.81
CA VAL B 161 8.95 15.11 -11.53
C VAL B 161 7.71 14.31 -11.18
N GLN B 162 7.46 14.15 -9.87
CA GLN B 162 6.29 13.41 -9.39
C GLN B 162 5.00 13.96 -9.98
N GLU B 163 5.05 15.23 -10.35
CA GLU B 163 3.91 15.90 -10.92
C GLU B 163 3.90 16.03 -12.43
N LYS B 164 5.06 16.05 -13.07
CA LYS B 164 5.12 16.21 -14.52
C LYS B 164 5.34 14.89 -15.25
N MET B 165 5.81 13.89 -14.52
CA MET B 165 6.09 12.60 -15.12
C MET B 165 4.88 12.09 -15.87
N GLY B 166 5.11 11.27 -16.89
CA GLY B 166 4.01 10.73 -17.64
C GLY B 166 3.35 11.73 -18.56
N ILE B 167 3.47 13.03 -18.27
CA ILE B 167 2.89 14.05 -19.14
C ILE B 167 3.99 14.74 -19.94
N MET B 168 5.09 15.09 -19.27
CA MET B 168 6.20 15.72 -19.94
C MET B 168 6.85 14.66 -20.84
N ASN B 169 7.91 15.01 -21.56
CA ASN B 169 8.59 14.07 -22.46
C ASN B 169 7.55 13.51 -23.44
N LYS B 170 6.51 14.29 -23.69
CA LYS B 170 5.40 13.92 -24.58
C LYS B 170 4.70 12.69 -24.04
N GLY B 171 4.52 12.65 -22.72
CA GLY B 171 3.87 11.53 -22.07
C GLY B 171 4.61 10.22 -22.05
N VAL B 172 5.85 10.22 -22.54
CA VAL B 172 6.63 8.99 -22.57
C VAL B 172 7.11 8.65 -21.18
N ILE B 173 7.20 7.35 -20.90
CA ILE B 173 7.62 6.86 -19.60
C ILE B 173 8.27 5.48 -19.79
N TYR B 174 9.01 5.05 -18.78
CA TYR B 174 9.69 3.76 -18.85
C TYR B 174 9.44 2.89 -17.65
N ALA B 175 9.32 1.59 -17.88
CA ALA B 175 9.10 0.62 -16.81
C ALA B 175 10.42 0.17 -16.16
N LEU B 176 10.60 0.54 -14.90
CA LEU B 176 11.80 0.17 -14.15
C LEU B 176 11.70 -1.28 -13.68
N TRP B 177 10.51 -1.87 -13.77
CA TRP B 177 10.29 -3.25 -13.36
C TRP B 177 9.27 -3.91 -14.25
N ASP B 178 9.12 -5.23 -14.10
CA ASP B 178 8.15 -6.00 -14.87
C ASP B 178 6.83 -5.92 -14.10
N TYR B 179 5.71 -6.16 -14.77
CA TYR B 179 4.40 -6.14 -14.12
C TYR B 179 3.42 -7.16 -14.66
N GLU B 180 3.04 -8.09 -13.80
CA GLU B 180 2.08 -9.14 -14.11
C GLU B 180 0.71 -8.64 -13.67
N PRO B 181 -0.21 -8.43 -14.62
CA PRO B 181 -1.54 -7.95 -14.29
C PRO B 181 -2.32 -8.83 -13.30
N GLN B 182 -3.17 -8.20 -12.49
CA GLN B 182 -4.04 -8.88 -11.52
C GLN B 182 -5.40 -8.75 -12.15
N ASN B 183 -5.70 -7.54 -12.60
CA ASN B 183 -6.97 -7.24 -13.22
C ASN B 183 -6.78 -7.11 -14.71
N ASP B 184 -7.83 -7.41 -15.46
CA ASP B 184 -7.83 -7.37 -16.90
C ASP B 184 -7.44 -6.07 -17.58
N ASP B 185 -7.82 -4.94 -16.98
CA ASP B 185 -7.51 -3.64 -17.56
C ASP B 185 -6.11 -3.11 -17.27
N GLU B 186 -5.16 -4.02 -17.06
CA GLU B 186 -3.79 -3.65 -16.74
C GLU B 186 -2.78 -4.09 -17.79
N LEU B 187 -1.94 -3.15 -18.20
CA LEU B 187 -0.89 -3.40 -19.18
C LEU B 187 0.20 -4.29 -18.62
N PRO B 188 0.63 -5.27 -19.39
CA PRO B 188 1.68 -6.16 -18.92
C PRO B 188 2.97 -5.42 -19.23
N MET B 189 3.82 -5.26 -18.21
CA MET B 189 5.10 -4.57 -18.42
C MET B 189 6.24 -5.56 -18.27
N LYS B 190 7.44 -5.06 -18.54
CA LYS B 190 8.62 -5.89 -18.47
C LYS B 190 9.73 -4.91 -18.19
N GLU B 191 10.82 -5.42 -17.64
CA GLU B 191 11.98 -4.61 -17.31
C GLU B 191 12.33 -3.70 -18.46
N GLY B 192 12.06 -2.41 -18.29
CA GLY B 192 12.38 -1.43 -19.31
C GLY B 192 11.55 -1.45 -20.56
N ASP B 193 10.38 -0.83 -20.51
CA ASP B 193 9.50 -0.71 -21.67
C ASP B 193 9.21 0.78 -21.80
N CYS B 194 9.11 1.25 -23.03
CA CYS B 194 8.80 2.66 -23.27
C CYS B 194 7.30 2.67 -23.53
N MET B 195 6.63 3.71 -23.03
CA MET B 195 5.19 3.83 -23.22
C MET B 195 4.73 5.26 -22.97
N THR B 196 3.55 5.58 -23.50
CA THR B 196 2.98 6.91 -23.35
C THR B 196 1.72 6.84 -22.49
N ILE B 197 1.73 7.58 -21.40
CA ILE B 197 0.60 7.60 -20.50
C ILE B 197 -0.55 8.29 -21.18
N ILE B 198 -1.63 7.55 -21.48
CA ILE B 198 -2.81 8.16 -22.10
C ILE B 198 -3.52 8.81 -20.90
N HIS B 199 -2.89 9.85 -20.36
CA HIS B 199 -3.33 10.56 -19.18
C HIS B 199 -3.43 9.63 -17.96
N ARG B 200 -3.69 10.20 -16.80
CA ARG B 200 -3.74 9.45 -15.55
C ARG B 200 -4.82 10.11 -14.68
N GLU B 201 -4.41 10.65 -13.51
CA GLU B 201 -5.26 11.38 -12.56
C GLU B 201 -6.13 10.59 -11.57
N ASP B 202 -6.82 11.34 -10.72
CA ASP B 202 -7.70 10.85 -9.63
C ASP B 202 -8.95 9.99 -9.90
N GLU B 203 -9.77 10.41 -10.88
CA GLU B 203 -11.04 9.74 -11.24
C GLU B 203 -11.09 8.24 -10.92
N ASP B 204 -10.05 7.54 -11.34
CA ASP B 204 -9.95 6.12 -11.11
C ASP B 204 -8.46 5.90 -10.90
N GLU B 205 -8.11 5.72 -9.63
CA GLU B 205 -6.75 5.48 -9.21
C GLU B 205 -5.78 6.67 -9.34
N ILE B 206 -5.03 6.89 -8.26
CA ILE B 206 -4.01 7.94 -8.16
C ILE B 206 -2.69 7.19 -8.36
N GLU B 207 -2.67 5.98 -7.80
CA GLU B 207 -1.53 5.10 -7.85
C GLU B 207 -1.40 4.39 -9.19
N TRP B 208 -2.40 4.54 -10.06
CA TRP B 208 -2.34 3.83 -11.32
C TRP B 208 -2.49 4.70 -12.57
N TRP B 209 -1.41 4.76 -13.38
CA TRP B 209 -1.36 5.53 -14.62
C TRP B 209 -2.03 4.71 -15.74
N TRP B 210 -2.73 5.39 -16.66
CA TRP B 210 -3.38 4.74 -17.80
C TRP B 210 -2.45 4.98 -18.99
N ALA B 211 -1.76 3.94 -19.43
CA ALA B 211 -0.79 4.09 -20.50
C ALA B 211 -1.03 3.28 -21.75
N ARG B 212 -0.30 3.64 -22.81
CA ARG B 212 -0.35 2.92 -24.07
C ARG B 212 1.06 2.41 -24.29
N LEU B 213 1.19 1.09 -24.39
CA LEU B 213 2.47 0.45 -24.60
C LEU B 213 2.34 -0.26 -25.93
N ASN B 214 3.21 0.12 -26.85
CA ASN B 214 3.23 -0.47 -28.19
C ASN B 214 1.96 -0.05 -28.94
N ASP B 215 0.91 -0.85 -28.83
CA ASP B 215 -0.35 -0.56 -29.51
C ASP B 215 -1.52 -0.85 -28.57
N LYS B 216 -1.19 -1.44 -27.41
CA LYS B 216 -2.19 -1.79 -26.42
C LYS B 216 -2.24 -0.65 -25.41
N GLU B 217 -3.26 -0.65 -24.55
CA GLU B 217 -3.41 0.38 -23.53
C GLU B 217 -3.94 -0.27 -22.25
N GLY B 218 -3.76 0.40 -21.10
CA GLY B 218 -4.20 -0.13 -19.83
C GLY B 218 -3.64 0.54 -18.59
N TYR B 219 -3.88 -0.08 -17.42
CA TYR B 219 -3.42 0.45 -16.13
C TYR B 219 -2.03 0.00 -15.77
N VAL B 220 -1.21 0.95 -15.30
CA VAL B 220 0.15 0.66 -14.89
C VAL B 220 0.44 1.31 -13.55
N PRO B 221 1.14 0.59 -12.65
CA PRO B 221 1.43 1.18 -11.34
C PRO B 221 2.54 2.21 -11.47
N ARG B 222 2.24 3.46 -11.16
CA ARG B 222 3.27 4.51 -11.26
C ARG B 222 4.51 4.24 -10.38
N ASN B 223 4.40 3.30 -9.46
CA ASN B 223 5.49 3.00 -8.56
C ASN B 223 6.70 2.32 -9.19
N LEU B 224 6.50 1.75 -10.37
CA LEU B 224 7.58 1.05 -11.05
C LEU B 224 8.13 1.83 -12.23
N LEU B 225 7.61 3.04 -12.44
CA LEU B 225 8.00 3.91 -13.55
C LEU B 225 9.01 5.00 -13.20
N GLY B 226 9.54 5.60 -14.27
CA GLY B 226 10.50 6.68 -14.17
C GLY B 226 10.52 7.36 -15.53
N LEU B 227 11.00 8.59 -15.61
CA LEU B 227 11.08 9.30 -16.90
C LEU B 227 12.14 8.60 -17.73
N TYR B 228 13.21 8.20 -17.03
CA TYR B 228 14.38 7.52 -17.59
C TYR B 228 15.08 8.43 -18.62
N PRO B 229 14.70 9.72 -18.59
CA PRO B 229 15.22 10.77 -19.48
C PRO B 229 16.52 11.31 -18.89
#